data_6XVJ
#
_entry.id   6XVJ
#
_cell.length_a   51.724
_cell.length_b   56.257
_cell.length_c   60.260
_cell.angle_alpha   90.000
_cell.angle_beta   110.400
_cell.angle_gamma   90.000
#
_symmetry.space_group_name_H-M   'P 1 21 1'
#
loop_
_entity.id
_entity.type
_entity.pdbx_description
1 polymer 'Vascular endothelial growth factor receptor 2'
2 non-polymer ~{N}-[3-[(dimethylamino)methyl]-5-methyl-phenyl]-2-[3-methoxy-5-(7-methoxyquinolin-4-yl)oxy-pyridin-2-yl]ethanamide
3 water water
#
_entity_poly.entity_id   1
_entity_poly.type   'polypeptide(L)'
_entity_poly.pdbx_seq_one_letter_code
;MDPDELPLDEHCERLPYDASKWEFPRDRLKLGKPLGRGAFGQVIEADAFGIDKTATCRTVAVKMLKEGATHSEHRALMSE
LKILIHIGHHLNVVNLLGACTKPGGPLMVIVEFCKFGNLSTYLRSKRNEFVPYKVAPEDLYKDFLTLEHLICYSFQVAKG
MEFLASRKCIHRDLAARNILLSEKNVVKICDFGLARDIYKDPDYVRKGDARLPLKWMAPETIFDRVYTIQSDVWSFGVLL
WEIFSLGASPYPGVKIDEEFCRRLKEGTRMRAPDYTTPEMYQTMLDCWHGEPSQRPTFSELVEHLGNLLQANAQQDENLY
FQ
;
_entity_poly.pdbx_strand_id   A
#
# COMPACT_ATOMS: atom_id res chain seq x y z
N LEU A 8 13.39 -8.22 9.37
CA LEU A 8 14.59 -8.39 8.55
C LEU A 8 14.86 -7.14 7.70
N ASP A 9 13.88 -6.24 7.66
CA ASP A 9 13.91 -5.01 6.87
C ASP A 9 14.59 -3.82 7.55
N GLU A 10 15.21 -4.03 8.73
CA GLU A 10 15.94 -2.99 9.48
C GLU A 10 17.43 -3.00 9.15
N HIS A 11 17.91 -4.12 8.59
CA HIS A 11 19.32 -4.32 8.29
C HIS A 11 19.48 -4.73 6.83
N CYS A 12 18.76 -4.06 5.90
CA CYS A 12 18.75 -4.32 4.45
C CYS A 12 20.11 -4.33 3.82
N GLU A 13 21.05 -3.46 4.30
CA GLU A 13 22.38 -3.29 3.67
C GLU A 13 23.20 -4.57 3.58
N ARG A 14 22.82 -5.60 4.36
CA ARG A 14 23.58 -6.87 4.33
C ARG A 14 22.90 -7.86 3.36
N LEU A 15 21.70 -7.51 2.83
CA LEU A 15 20.94 -8.37 1.91
C LEU A 15 21.61 -8.45 0.53
N PRO A 16 21.45 -9.56 -0.22
CA PRO A 16 22.16 -9.65 -1.52
C PRO A 16 21.46 -8.97 -2.68
N TYR A 17 22.27 -8.58 -3.68
CA TYR A 17 21.76 -8.12 -4.97
C TYR A 17 22.41 -8.99 -6.00
N ASP A 18 21.67 -9.98 -6.52
CA ASP A 18 22.19 -10.89 -7.53
C ASP A 18 21.96 -10.31 -8.94
N ALA A 19 22.95 -9.55 -9.44
CA ALA A 19 22.92 -8.89 -10.75
C ALA A 19 22.62 -9.90 -11.88
N SER A 20 23.21 -11.11 -11.81
CA SER A 20 22.98 -12.13 -12.86
C SER A 20 21.48 -12.49 -13.03
N LYS A 21 20.70 -12.35 -11.99
CA LYS A 21 19.27 -12.65 -12.08
C LYS A 21 18.43 -11.39 -12.40
N TRP A 22 18.69 -10.30 -11.68
CA TRP A 22 17.82 -9.13 -11.71
C TRP A 22 18.19 -8.02 -12.63
N GLU A 23 19.45 -7.92 -13.03
CA GLU A 23 19.92 -6.80 -13.84
C GLU A 23 19.25 -6.74 -15.21
N PHE A 24 18.58 -5.62 -15.48
CA PHE A 24 17.91 -5.38 -16.75
C PHE A 24 18.65 -4.26 -17.54
N PRO A 25 19.01 -4.48 -18.83
CA PRO A 25 19.70 -3.40 -19.58
C PRO A 25 18.83 -2.14 -19.72
N ARG A 26 19.43 -0.97 -19.42
CA ARG A 26 18.69 0.29 -19.53
C ARG A 26 18.17 0.51 -20.95
N ASP A 27 18.86 0.01 -21.96
CA ASP A 27 18.45 0.25 -23.34
C ASP A 27 17.26 -0.65 -23.77
N ARG A 28 16.78 -1.53 -22.89
CA ARG A 28 15.60 -2.36 -23.17
C ARG A 28 14.38 -1.75 -22.47
N LEU A 29 14.54 -0.53 -21.98
CA LEU A 29 13.48 0.19 -21.27
C LEU A 29 13.16 1.47 -22.04
N LYS A 30 11.87 1.66 -22.41
CA LYS A 30 11.42 2.85 -23.13
C LYS A 30 10.63 3.64 -22.09
N LEU A 31 11.26 4.66 -21.52
CA LEU A 31 10.68 5.45 -20.43
C LEU A 31 9.54 6.35 -20.91
N GLY A 32 8.45 6.37 -20.14
CA GLY A 32 7.25 7.15 -20.45
C GLY A 32 6.93 8.25 -19.46
N LYS A 33 5.62 8.46 -19.25
CA LYS A 33 5.02 9.51 -18.42
C LYS A 33 5.10 9.25 -16.91
N PRO A 34 5.13 10.30 -16.07
CA PRO A 34 5.15 10.08 -14.61
C PRO A 34 3.83 9.49 -14.10
N LEU A 35 3.94 8.56 -13.15
CA LEU A 35 2.82 7.93 -12.49
C LEU A 35 2.65 8.51 -11.10
N GLY A 36 3.77 8.95 -10.53
CA GLY A 36 3.79 9.57 -9.20
C GLY A 36 5.10 10.29 -9.00
N ARG A 37 5.06 11.49 -8.43
CA ARG A 37 6.30 12.24 -8.22
C ARG A 37 6.39 12.77 -6.83
N GLY A 38 7.55 12.59 -6.22
CA GLY A 38 7.85 13.17 -4.93
C GLY A 38 8.82 14.32 -5.14
N ALA A 39 9.55 14.68 -4.10
CA ALA A 39 10.57 15.72 -4.15
C ALA A 39 11.88 15.10 -4.62
N PHE A 40 12.20 13.89 -4.12
CA PHE A 40 13.46 13.18 -4.39
C PHE A 40 13.33 11.92 -5.25
N GLY A 41 12.13 11.40 -5.34
CA GLY A 41 11.88 10.20 -6.11
C GLY A 41 10.68 10.32 -7.01
N GLN A 42 10.53 9.35 -7.90
CA GLN A 42 9.39 9.34 -8.81
C GLN A 42 9.14 7.92 -9.29
N VAL A 43 7.92 7.69 -9.77
CA VAL A 43 7.48 6.45 -10.41
C VAL A 43 7.09 6.82 -11.84
N ILE A 44 7.72 6.17 -12.83
CA ILE A 44 7.50 6.45 -14.25
C ILE A 44 6.96 5.21 -14.96
N GLU A 45 6.01 5.38 -15.87
CA GLU A 45 5.53 4.27 -16.69
C GLU A 45 6.61 3.96 -17.74
N ALA A 46 6.81 2.69 -18.10
CA ALA A 46 7.79 2.38 -19.16
C ALA A 46 7.38 1.17 -19.93
N ASP A 47 7.96 1.00 -21.13
CA ASP A 47 7.76 -0.23 -21.90
C ASP A 47 9.08 -0.99 -21.81
N ALA A 48 9.02 -2.19 -21.24
CA ALA A 48 10.20 -3.02 -21.06
C ALA A 48 10.19 -4.15 -22.09
N PHE A 49 11.29 -4.30 -22.81
CA PHE A 49 11.37 -5.37 -23.79
C PHE A 49 11.90 -6.68 -23.20
N GLY A 50 11.03 -7.69 -23.10
CA GLY A 50 11.43 -9.03 -22.67
C GLY A 50 11.88 -9.15 -21.23
N ILE A 51 11.33 -8.32 -20.37
CA ILE A 51 11.69 -8.37 -18.94
C ILE A 51 11.22 -9.68 -18.26
N ASP A 52 10.04 -10.22 -18.65
CA ASP A 52 9.46 -11.41 -17.98
C ASP A 52 8.99 -12.50 -18.91
N LYS A 53 8.92 -12.20 -20.21
CA LYS A 53 8.56 -13.18 -21.21
C LYS A 53 9.43 -12.87 -22.40
N THR A 54 10.06 -13.90 -22.98
CA THR A 54 10.99 -13.71 -24.09
C THR A 54 10.40 -12.84 -25.19
N ALA A 55 11.15 -11.77 -25.55
CA ALA A 55 10.84 -10.85 -26.66
C ALA A 55 9.43 -10.26 -26.62
N THR A 56 8.90 -10.07 -25.42
CA THR A 56 7.55 -9.55 -25.24
C THR A 56 7.62 -8.19 -24.63
N CYS A 57 6.98 -7.20 -25.28
CA CYS A 57 6.89 -5.87 -24.67
C CYS A 57 5.95 -5.91 -23.48
N ARG A 58 6.35 -5.23 -22.40
CA ARG A 58 5.52 -5.22 -21.19
C ARG A 58 5.48 -3.86 -20.57
N THR A 59 4.29 -3.33 -20.28
CA THR A 59 4.24 -2.04 -19.56
C THR A 59 4.67 -2.31 -18.11
N VAL A 60 5.53 -1.44 -17.56
CA VAL A 60 6.04 -1.56 -16.21
C VAL A 60 6.02 -0.22 -15.52
N ALA A 61 6.27 -0.24 -14.22
CA ALA A 61 6.39 0.99 -13.42
C ALA A 61 7.79 1.00 -12.88
N VAL A 62 8.49 2.12 -13.04
CA VAL A 62 9.89 2.22 -12.68
C VAL A 62 10.07 3.28 -11.59
N LYS A 63 10.67 2.88 -10.46
CA LYS A 63 10.94 3.82 -9.37
C LYS A 63 12.36 4.27 -9.47
N MET A 64 12.56 5.55 -9.42
CA MET A 64 13.91 6.10 -9.54
C MET A 64 13.98 7.45 -8.84
N LEU A 65 15.19 7.97 -8.72
CA LEU A 65 15.35 9.26 -8.07
C LEU A 65 15.27 10.41 -9.06
N LYS A 66 15.19 11.63 -8.53
CA LYS A 66 15.11 12.84 -9.35
C LYS A 66 15.93 13.97 -8.77
N GLU A 67 16.01 15.08 -9.49
CA GLU A 67 16.77 16.27 -9.06
C GLU A 67 16.41 16.61 -7.60
N GLY A 68 17.43 16.72 -6.77
CA GLY A 68 17.28 17.03 -5.35
C GLY A 68 17.77 15.88 -4.50
N ALA A 69 17.64 14.64 -5.04
CA ALA A 69 18.12 13.44 -4.34
C ALA A 69 19.63 13.52 -4.12
N THR A 70 20.10 12.83 -3.06
CA THR A 70 21.52 12.78 -2.75
C THR A 70 21.97 11.33 -2.71
N HIS A 71 23.27 11.09 -2.40
CA HIS A 71 23.72 9.71 -2.25
C HIS A 71 22.91 8.95 -1.16
N SER A 72 22.41 9.66 -0.14
CA SER A 72 21.63 8.97 0.92
C SER A 72 20.33 8.36 0.37
N GLU A 73 19.63 9.05 -0.54
CA GLU A 73 18.38 8.51 -1.13
C GLU A 73 18.73 7.37 -2.09
N HIS A 74 19.91 7.45 -2.70
CA HIS A 74 20.42 6.40 -3.58
C HIS A 74 20.64 5.10 -2.75
N ARG A 75 21.25 5.23 -1.57
CA ARG A 75 21.45 4.07 -0.67
C ARG A 75 20.08 3.52 -0.21
N ALA A 76 19.13 4.43 0.08
CA ALA A 76 17.79 4.02 0.52
C ALA A 76 17.06 3.23 -0.59
N LEU A 77 17.19 3.69 -1.85
CA LEU A 77 16.55 3.00 -2.94
C LEU A 77 17.17 1.61 -3.19
N MET A 78 18.49 1.49 -3.02
CA MET A 78 19.17 0.18 -3.14
C MET A 78 18.66 -0.75 -2.03
N SER A 79 18.49 -0.25 -0.80
CA SER A 79 17.95 -1.09 0.30
C SER A 79 16.53 -1.58 -0.04
N GLU A 80 15.72 -0.72 -0.66
CA GLU A 80 14.35 -1.08 -1.04
C GLU A 80 14.38 -2.19 -2.12
N LEU A 81 15.32 -2.09 -3.07
CA LEU A 81 15.45 -3.12 -4.09
C LEU A 81 15.79 -4.45 -3.39
N LYS A 82 16.77 -4.43 -2.46
CA LYS A 82 17.19 -5.65 -1.73
C LYS A 82 16.06 -6.27 -0.95
N ILE A 83 15.21 -5.43 -0.32
CA ILE A 83 14.10 -5.98 0.47
C ILE A 83 13.03 -6.55 -0.46
N LEU A 84 12.81 -5.93 -1.64
CA LEU A 84 11.85 -6.47 -2.62
C LEU A 84 12.29 -7.83 -3.10
N ILE A 85 13.59 -8.01 -3.27
CA ILE A 85 14.13 -9.33 -3.65
C ILE A 85 13.85 -10.35 -2.53
N HIS A 86 14.15 -10.00 -1.27
CA HIS A 86 13.94 -10.86 -0.10
C HIS A 86 12.47 -11.24 0.00
N ILE A 87 11.57 -10.23 -0.13
CA ILE A 87 10.12 -10.46 -0.03
C ILE A 87 9.65 -11.49 -1.08
N GLY A 88 10.03 -11.28 -2.33
CA GLY A 88 9.66 -12.15 -3.43
C GLY A 88 8.22 -11.94 -3.86
N HIS A 89 7.71 -12.90 -4.63
CA HIS A 89 6.42 -12.70 -5.26
C HIS A 89 5.22 -13.30 -4.57
N HIS A 90 4.12 -12.55 -4.68
CA HIS A 90 2.79 -12.95 -4.23
C HIS A 90 1.82 -12.14 -5.06
N LEU A 91 0.62 -12.68 -5.31
CA LEU A 91 -0.37 -11.96 -6.10
C LEU A 91 -0.69 -10.56 -5.53
N ASN A 92 -0.68 -10.41 -4.20
CA ASN A 92 -1.14 -9.18 -3.58
C ASN A 92 -0.02 -8.24 -3.09
N VAL A 93 1.17 -8.39 -3.66
CA VAL A 93 2.29 -7.47 -3.43
C VAL A 93 2.73 -7.07 -4.83
N VAL A 94 3.19 -5.82 -5.03
CA VAL A 94 3.65 -5.47 -6.35
C VAL A 94 4.93 -6.30 -6.61
N ASN A 95 5.02 -6.96 -7.77
CA ASN A 95 6.16 -7.88 -7.99
C ASN A 95 7.32 -7.23 -8.64
N LEU A 96 8.50 -7.43 -8.07
CA LEU A 96 9.72 -6.93 -8.66
C LEU A 96 10.02 -7.72 -9.95
N LEU A 97 10.32 -6.99 -11.04
CA LEU A 97 10.64 -7.61 -12.35
C LEU A 97 12.10 -7.47 -12.73
N GLY A 98 12.76 -6.45 -12.20
CA GLY A 98 14.17 -6.24 -12.52
C GLY A 98 14.67 -4.92 -12.00
N ALA A 99 15.95 -4.68 -12.22
CA ALA A 99 16.55 -3.43 -11.81
C ALA A 99 17.67 -2.98 -12.71
N CYS A 100 17.93 -1.67 -12.77
CA CYS A 100 19.08 -1.12 -13.50
C CYS A 100 19.97 -0.53 -12.42
N THR A 101 21.16 -1.11 -12.19
CA THR A 101 22.06 -0.67 -11.09
C THR A 101 23.47 -0.35 -11.58
N LYS A 102 23.78 -0.71 -12.82
CA LYS A 102 25.12 -0.54 -13.39
C LYS A 102 25.53 0.95 -13.44
N PRO A 103 26.84 1.25 -13.29
CA PRO A 103 27.27 2.66 -13.37
C PRO A 103 26.94 3.33 -14.70
N GLY A 104 26.79 4.65 -14.66
CA GLY A 104 26.54 5.41 -15.87
C GLY A 104 25.11 5.83 -16.06
N GLY A 105 24.24 5.35 -15.18
CA GLY A 105 22.83 5.66 -15.18
C GLY A 105 22.20 5.58 -13.79
N PRO A 106 20.95 6.04 -13.67
CA PRO A 106 20.32 6.03 -12.34
C PRO A 106 19.88 4.63 -11.92
N LEU A 107 19.82 4.45 -10.60
CA LEU A 107 19.32 3.21 -10.01
C LEU A 107 17.81 3.16 -10.34
N MET A 108 17.37 2.06 -10.98
CA MET A 108 15.94 1.94 -11.36
C MET A 108 15.36 0.65 -10.84
N VAL A 109 14.23 0.72 -10.15
CA VAL A 109 13.59 -0.48 -9.57
C VAL A 109 12.32 -0.70 -10.40
N ILE A 110 12.21 -1.84 -11.07
CA ILE A 110 11.14 -2.10 -12.04
C ILE A 110 10.14 -3.10 -11.49
N VAL A 111 8.85 -2.71 -11.42
CA VAL A 111 7.78 -3.61 -10.92
C VAL A 111 6.65 -3.72 -11.94
N GLU A 112 5.74 -4.72 -11.74
CA GLU A 112 4.65 -4.85 -12.69
C GLU A 112 3.73 -3.62 -12.58
N PHE A 113 3.09 -3.30 -13.68
CA PHE A 113 2.20 -2.13 -13.80
C PHE A 113 0.80 -2.46 -13.33
N CYS A 114 0.22 -1.61 -12.50
CA CYS A 114 -1.16 -1.80 -11.98
C CYS A 114 -2.01 -0.69 -12.56
N LYS A 115 -2.66 -0.99 -13.70
CA LYS A 115 -3.44 -0.11 -14.58
C LYS A 115 -4.31 0.95 -13.89
N PHE A 116 -4.96 0.63 -12.77
CA PHE A 116 -5.91 1.57 -12.18
C PHE A 116 -5.32 2.46 -11.10
N GLY A 117 -4.03 2.30 -10.82
CA GLY A 117 -3.38 3.16 -9.84
C GLY A 117 -3.81 2.92 -8.41
N ASN A 118 -3.55 3.91 -7.55
CA ASN A 118 -3.79 3.77 -6.10
C ASN A 118 -5.29 3.62 -5.77
N LEU A 119 -5.56 2.81 -4.75
CA LEU A 119 -6.92 2.44 -4.39
C LEU A 119 -7.73 3.57 -3.78
N SER A 120 -7.08 4.51 -3.06
CA SER A 120 -7.83 5.64 -2.44
C SER A 120 -8.48 6.47 -3.56
N THR A 121 -7.69 6.94 -4.54
CA THR A 121 -8.20 7.72 -5.68
C THR A 121 -9.26 6.91 -6.45
N TYR A 122 -8.98 5.63 -6.68
CA TYR A 122 -9.90 4.77 -7.42
C TYR A 122 -11.29 4.68 -6.77
N LEU A 123 -11.33 4.34 -5.48
CA LEU A 123 -12.63 4.20 -4.78
C LEU A 123 -13.38 5.52 -4.69
N ARG A 124 -12.63 6.64 -4.51
CA ARG A 124 -13.26 7.97 -4.47
C ARG A 124 -13.89 8.31 -5.83
N SER A 125 -13.19 7.99 -6.93
CA SER A 125 -13.66 8.25 -8.30
C SER A 125 -14.89 7.38 -8.64
N LYS A 126 -14.98 6.21 -8.03
CA LYS A 126 -16.07 5.25 -8.29
C LYS A 126 -17.17 5.26 -7.22
N ARG A 127 -17.09 6.21 -6.25
CA ARG A 127 -18.04 6.34 -5.14
C ARG A 127 -19.50 6.38 -5.59
N ASN A 128 -19.77 7.10 -6.69
CA ASN A 128 -21.14 7.24 -7.19
C ASN A 128 -21.67 5.94 -7.78
N GLU A 129 -20.78 5.06 -8.28
CA GLU A 129 -21.09 3.79 -8.95
C GLU A 129 -20.93 2.61 -8.01
N PHE A 130 -21.56 2.71 -6.84
CA PHE A 130 -21.52 1.67 -5.84
C PHE A 130 -22.92 1.30 -5.54
N VAL A 131 -23.18 -0.02 -5.48
CA VAL A 131 -24.45 -0.61 -5.05
C VAL A 131 -24.05 -1.73 -4.07
N PRO A 132 -24.62 -1.82 -2.85
CA PRO A 132 -24.21 -2.92 -1.93
C PRO A 132 -24.35 -4.31 -2.57
N TYR A 133 -25.49 -4.56 -3.22
CA TYR A 133 -25.72 -5.82 -3.91
C TYR A 133 -26.29 -5.57 -5.30
N LYS A 134 -25.65 -6.17 -6.33
CA LYS A 134 -26.15 -6.09 -7.70
C LYS A 134 -27.26 -7.15 -7.77
N VAL A 135 -28.52 -6.71 -7.65
CA VAL A 135 -29.67 -7.63 -7.61
C VAL A 135 -30.74 -7.28 -8.66
N ALA A 136 -30.78 -6.00 -9.11
CA ALA A 136 -31.76 -5.54 -10.10
C ALA A 136 -31.44 -6.10 -11.51
N PRO A 137 -32.42 -6.77 -12.19
CA PRO A 137 -32.14 -7.32 -13.54
C PRO A 137 -31.53 -6.32 -14.54
N GLU A 138 -32.00 -5.06 -14.53
CA GLU A 138 -31.49 -4.00 -15.40
C GLU A 138 -30.02 -3.59 -15.10
N ASP A 139 -29.59 -3.72 -13.82
CA ASP A 139 -28.25 -3.38 -13.34
C ASP A 139 -27.16 -4.45 -13.61
N LEU A 140 -27.53 -5.59 -14.20
CA LEU A 140 -26.63 -6.73 -14.47
C LEU A 140 -25.40 -6.43 -15.33
N TYR A 141 -25.52 -5.59 -16.37
CA TYR A 141 -24.39 -5.31 -17.25
C TYR A 141 -23.71 -3.98 -16.93
N LYS A 142 -23.90 -3.48 -15.70
CA LYS A 142 -23.26 -2.24 -15.24
C LYS A 142 -22.04 -2.61 -14.38
N ASP A 143 -20.87 -2.06 -14.72
CA ASP A 143 -19.62 -2.34 -14.01
C ASP A 143 -19.54 -1.63 -12.65
N PHE A 144 -20.51 -1.91 -11.76
CA PHE A 144 -20.59 -1.28 -10.44
C PHE A 144 -19.75 -1.99 -9.41
N LEU A 145 -19.25 -1.21 -8.42
CA LEU A 145 -18.55 -1.73 -7.25
C LEU A 145 -19.65 -2.17 -6.31
N THR A 146 -19.45 -3.32 -5.68
CA THR A 146 -20.40 -3.90 -4.74
C THR A 146 -19.70 -4.18 -3.42
N LEU A 147 -20.45 -4.62 -2.39
CA LEU A 147 -19.91 -4.99 -1.07
C LEU A 147 -18.90 -6.11 -1.27
N GLU A 148 -19.22 -7.07 -2.16
CA GLU A 148 -18.37 -8.21 -2.52
C GLU A 148 -17.00 -7.72 -2.99
N HIS A 149 -16.95 -6.72 -3.89
CA HIS A 149 -15.68 -6.13 -4.37
C HIS A 149 -14.88 -5.55 -3.18
N LEU A 150 -15.52 -4.78 -2.31
CA LEU A 150 -14.86 -4.14 -1.16
C LEU A 150 -14.30 -5.16 -0.21
N ILE A 151 -15.09 -6.20 0.10
CA ILE A 151 -14.63 -7.28 0.98
C ILE A 151 -13.49 -8.03 0.29
N CYS A 152 -13.59 -8.24 -1.03
CA CYS A 152 -12.56 -8.91 -1.81
C CYS A 152 -11.24 -8.12 -1.77
N TYR A 153 -11.31 -6.77 -1.87
CA TYR A 153 -10.08 -5.94 -1.80
C TYR A 153 -9.47 -6.04 -0.40
N SER A 154 -10.35 -6.01 0.61
CA SER A 154 -9.96 -6.14 2.03
C SER A 154 -9.24 -7.46 2.28
N PHE A 155 -9.84 -8.57 1.80
CA PHE A 155 -9.29 -9.93 1.92
C PHE A 155 -7.90 -10.01 1.23
N GLN A 156 -7.79 -9.50 0.00
CA GLN A 156 -6.51 -9.54 -0.74
C GLN A 156 -5.39 -8.76 -0.04
N VAL A 157 -5.72 -7.60 0.52
CA VAL A 157 -4.69 -6.81 1.24
C VAL A 157 -4.23 -7.60 2.49
N ALA A 158 -5.18 -8.28 3.19
CA ALA A 158 -4.83 -9.10 4.35
C ALA A 158 -3.93 -10.25 3.87
N LYS A 159 -4.21 -10.87 2.70
CA LYS A 159 -3.38 -11.96 2.16
C LYS A 159 -1.97 -11.45 1.87
N GLY A 160 -1.88 -10.27 1.26
CA GLY A 160 -0.59 -9.64 0.97
C GLY A 160 0.19 -9.33 2.23
N MET A 161 -0.49 -8.84 3.26
CA MET A 161 0.15 -8.49 4.54
C MET A 161 0.63 -9.74 5.32
N GLU A 162 -0.19 -10.82 5.29
CA GLU A 162 0.16 -12.11 5.86
C GLU A 162 1.46 -12.61 5.17
N PHE A 163 1.52 -12.44 3.85
CA PHE A 163 2.70 -12.83 3.05
C PHE A 163 3.93 -12.00 3.49
N LEU A 164 3.78 -10.69 3.59
CA LEU A 164 4.88 -9.83 4.08
C LEU A 164 5.38 -10.30 5.44
N ALA A 165 4.45 -10.58 6.36
CA ALA A 165 4.74 -11.07 7.69
C ALA A 165 5.52 -12.38 7.65
N SER A 166 5.20 -13.28 6.70
CA SER A 166 5.90 -14.58 6.56
C SER A 166 7.34 -14.41 6.12
N ARG A 167 7.61 -13.26 5.51
CA ARG A 167 8.96 -12.90 5.04
C ARG A 167 9.70 -12.08 6.11
N LYS A 168 9.12 -11.93 7.31
CA LYS A 168 9.70 -11.18 8.46
C LYS A 168 9.90 -9.68 8.15
N CYS A 169 8.96 -9.16 7.36
CA CYS A 169 8.93 -7.76 7.01
C CYS A 169 7.67 -7.14 7.50
N ILE A 170 7.74 -5.84 7.70
CA ILE A 170 6.61 -5.02 8.08
C ILE A 170 6.51 -3.86 7.10
N HIS A 171 5.34 -3.28 6.99
CA HIS A 171 5.11 -2.23 6.02
C HIS A 171 5.52 -0.82 6.50
N ARG A 172 4.92 -0.35 7.60
CA ARG A 172 5.16 0.95 8.25
C ARG A 172 4.40 2.10 7.63
N ASP A 173 3.82 1.91 6.44
CA ASP A 173 3.02 2.99 5.86
C ASP A 173 1.84 2.39 5.11
N LEU A 174 1.12 1.43 5.77
CA LEU A 174 -0.06 0.78 5.14
C LEU A 174 -1.23 1.77 5.15
N ALA A 175 -1.83 1.97 3.97
CA ALA A 175 -2.91 2.92 3.69
C ALA A 175 -3.40 2.62 2.29
N ALA A 176 -4.60 3.08 1.95
CA ALA A 176 -5.16 2.85 0.62
C ALA A 176 -4.30 3.51 -0.45
N ARG A 177 -3.60 4.65 -0.14
CA ARG A 177 -2.70 5.29 -1.11
C ARG A 177 -1.51 4.38 -1.51
N ASN A 178 -1.18 3.39 -0.66
CA ASN A 178 -0.12 2.40 -0.91
C ASN A 178 -0.66 1.03 -1.32
N ILE A 179 -1.89 1.02 -1.85
CA ILE A 179 -2.52 -0.15 -2.43
C ILE A 179 -2.80 0.20 -3.89
N LEU A 180 -2.46 -0.68 -4.82
CA LEU A 180 -2.75 -0.39 -6.23
C LEU A 180 -3.77 -1.37 -6.74
N LEU A 181 -4.55 -0.94 -7.73
CA LEU A 181 -5.52 -1.84 -8.34
C LEU A 181 -5.08 -2.20 -9.77
N SER A 182 -5.00 -3.48 -10.04
CA SER A 182 -4.62 -4.02 -11.35
C SER A 182 -5.89 -4.51 -12.04
N GLU A 183 -5.74 -5.29 -13.13
CA GLU A 183 -6.90 -5.86 -13.84
C GLU A 183 -7.50 -7.02 -13.04
N LYS A 184 -8.70 -7.47 -13.45
CA LYS A 184 -9.40 -8.60 -12.84
C LYS A 184 -9.58 -8.47 -11.30
N ASN A 185 -9.76 -7.22 -10.81
CA ASN A 185 -10.02 -6.87 -9.41
C ASN A 185 -8.90 -7.31 -8.46
N VAL A 186 -7.67 -7.35 -8.96
CA VAL A 186 -6.52 -7.72 -8.13
C VAL A 186 -5.92 -6.45 -7.54
N VAL A 187 -5.72 -6.44 -6.21
CA VAL A 187 -5.05 -5.32 -5.54
C VAL A 187 -3.68 -5.75 -5.07
N LYS A 188 -2.71 -4.84 -5.14
CA LYS A 188 -1.35 -5.11 -4.71
C LYS A 188 -0.85 -4.07 -3.74
N ILE A 189 -0.16 -4.52 -2.67
CA ILE A 189 0.49 -3.63 -1.73
C ILE A 189 1.76 -3.03 -2.40
N CYS A 190 1.95 -1.71 -2.28
CA CYS A 190 3.17 -1.04 -2.76
C CYS A 190 3.70 -0.12 -1.66
N ASP A 191 4.66 0.76 -1.99
CA ASP A 191 5.17 1.70 -1.00
C ASP A 191 5.84 2.82 -1.81
N PHE A 192 5.08 3.88 -2.15
CA PHE A 192 5.62 4.98 -2.94
C PHE A 192 6.86 5.58 -2.33
N GLY A 193 6.86 5.75 -1.01
CA GLY A 193 8.00 6.30 -0.28
C GLY A 193 8.44 7.65 -0.80
N LEU A 194 9.68 7.69 -1.30
CA LEU A 194 10.30 8.91 -1.86
C LEU A 194 9.56 9.38 -3.13
N ALA A 195 8.75 8.48 -3.79
CA ALA A 195 7.97 8.86 -4.98
C ALA A 195 6.64 9.57 -4.65
N ARG A 196 6.46 9.91 -3.38
CA ARG A 196 5.36 10.74 -2.91
C ARG A 196 6.05 11.93 -2.22
N ASP A 197 5.51 13.13 -2.35
CA ASP A 197 6.12 14.29 -1.70
C ASP A 197 5.41 14.46 -0.35
N ILE A 198 5.95 13.81 0.69
CA ILE A 198 5.34 13.80 2.02
C ILE A 198 5.28 15.20 2.63
N TYR A 199 6.16 16.12 2.21
CA TYR A 199 6.13 17.49 2.73
C TYR A 199 5.00 18.31 2.10
N LYS A 200 4.44 17.84 0.99
CA LYS A 200 3.33 18.46 0.28
C LYS A 200 1.99 17.70 0.48
N ASP A 201 2.05 16.41 0.81
CA ASP A 201 0.89 15.53 0.98
C ASP A 201 0.17 15.76 2.32
N PRO A 202 -1.14 16.06 2.33
CA PRO A 202 -1.83 16.30 3.61
C PRO A 202 -1.97 15.07 4.53
N ASP A 203 -1.72 13.87 4.04
CA ASP A 203 -1.80 12.64 4.83
C ASP A 203 -0.61 12.50 5.78
N TYR A 204 0.42 13.35 5.63
CA TYR A 204 1.63 13.32 6.44
C TYR A 204 1.67 14.58 7.23
N VAL A 205 1.78 14.46 8.56
CA VAL A 205 1.73 15.59 9.50
C VAL A 205 3.02 15.70 10.28
N ARG A 206 3.53 16.96 10.44
CA ARG A 206 4.72 17.26 11.23
C ARG A 206 4.52 16.81 12.68
N LYS A 207 5.38 15.89 13.15
CA LYS A 207 5.38 15.35 14.51
C LYS A 207 6.85 15.23 14.91
N GLY A 208 7.40 16.36 15.37
CA GLY A 208 8.81 16.50 15.71
C GLY A 208 9.57 17.00 14.50
N ASP A 209 10.61 16.25 14.07
CA ASP A 209 11.42 16.61 12.90
C ASP A 209 11.06 15.74 11.67
N ALA A 210 10.00 14.90 11.79
CA ALA A 210 9.53 14.00 10.74
C ALA A 210 8.06 14.25 10.37
N ARG A 211 7.73 14.00 9.08
CA ARG A 211 6.40 14.10 8.54
C ARG A 211 5.87 12.68 8.51
N LEU A 212 4.91 12.39 9.39
CA LEU A 212 4.40 11.04 9.58
C LEU A 212 2.92 10.87 9.23
N PRO A 213 2.50 9.66 8.77
CA PRO A 213 1.08 9.45 8.42
C PRO A 213 0.23 9.21 9.67
N LEU A 214 0.13 10.24 10.51
CA LEU A 214 -0.54 10.17 11.81
C LEU A 214 -1.89 9.47 11.83
N LYS A 215 -2.79 9.77 10.86
CA LYS A 215 -4.13 9.16 10.86
C LYS A 215 -4.13 7.63 10.69
N TRP A 216 -2.99 7.04 10.29
CA TRP A 216 -2.91 5.60 10.04
C TRP A 216 -2.10 4.86 11.09
N MET A 217 -1.47 5.61 12.01
CA MET A 217 -0.57 5.07 13.04
C MET A 217 -1.24 4.61 14.35
N ALA A 218 -0.77 3.46 14.85
CA ALA A 218 -1.18 2.90 16.13
C ALA A 218 -0.71 3.83 17.29
N PRO A 219 -1.42 3.92 18.44
CA PRO A 219 -0.95 4.77 19.54
C PRO A 219 0.50 4.49 19.94
N GLU A 220 0.94 3.19 19.92
CA GLU A 220 2.31 2.85 20.29
C GLU A 220 3.34 3.34 19.28
N THR A 221 2.93 3.58 18.01
CA THR A 221 3.82 4.11 17.00
C THR A 221 3.98 5.62 17.23
N ILE A 222 2.86 6.34 17.45
CA ILE A 222 2.87 7.77 17.69
C ILE A 222 3.63 8.11 18.99
N PHE A 223 3.24 7.47 20.09
CA PHE A 223 3.78 7.74 21.44
C PHE A 223 5.05 7.01 21.80
N ASP A 224 5.31 5.84 21.22
CA ASP A 224 6.52 5.11 21.62
C ASP A 224 7.45 4.84 20.46
N ARG A 225 7.07 5.27 19.23
CA ARG A 225 7.83 5.06 17.98
C ARG A 225 8.04 3.55 17.74
N VAL A 226 7.06 2.73 18.18
CA VAL A 226 7.09 1.26 18.02
C VAL A 226 6.42 0.88 16.68
N TYR A 227 7.12 0.14 15.81
CA TYR A 227 6.62 -0.37 14.53
C TYR A 227 6.72 -1.90 14.55
N THR A 228 5.58 -2.60 14.44
CA THR A 228 5.57 -4.07 14.44
C THR A 228 4.50 -4.50 13.42
N ILE A 229 4.37 -5.81 13.18
CA ILE A 229 3.28 -6.31 12.34
C ILE A 229 1.90 -5.93 12.96
N GLN A 230 1.83 -5.88 14.32
CA GLN A 230 0.60 -5.53 14.98
C GLN A 230 0.26 -4.05 14.83
N SER A 231 1.27 -3.14 14.66
CA SER A 231 0.95 -1.75 14.34
C SER A 231 0.47 -1.62 12.86
N ASP A 232 0.94 -2.51 11.97
CA ASP A 232 0.45 -2.58 10.58
C ASP A 232 -1.03 -3.03 10.59
N VAL A 233 -1.44 -3.89 11.58
CA VAL A 233 -2.82 -4.37 11.71
C VAL A 233 -3.66 -3.17 12.04
N TRP A 234 -3.14 -2.27 12.92
CA TRP A 234 -3.87 -1.05 13.24
C TRP A 234 -4.09 -0.26 11.92
N SER A 235 -3.04 -0.05 11.14
CA SER A 235 -3.08 0.65 9.84
C SER A 235 -4.06 -0.03 8.90
N PHE A 236 -4.08 -1.37 8.90
CA PHE A 236 -5.04 -2.15 8.11
C PHE A 236 -6.49 -1.80 8.51
N GLY A 237 -6.76 -1.64 9.81
CA GLY A 237 -8.10 -1.23 10.28
C GLY A 237 -8.48 0.12 9.66
N VAL A 238 -7.52 1.06 9.60
CA VAL A 238 -7.72 2.40 9.00
C VAL A 238 -7.96 2.23 7.51
N LEU A 239 -7.19 1.36 6.85
CA LEU A 239 -7.37 1.03 5.44
C LEU A 239 -8.81 0.51 5.17
N LEU A 240 -9.33 -0.39 6.03
CA LEU A 240 -10.68 -0.95 5.93
C LEU A 240 -11.67 0.21 5.96
N TRP A 241 -11.45 1.19 6.86
CA TRP A 241 -12.32 2.35 6.95
C TRP A 241 -12.23 3.15 5.65
N GLU A 242 -11.03 3.29 5.05
CA GLU A 242 -10.90 4.02 3.77
C GLU A 242 -11.69 3.25 2.69
N ILE A 243 -11.60 1.90 2.67
CA ILE A 243 -12.32 1.09 1.66
C ILE A 243 -13.83 1.24 1.81
N PHE A 244 -14.36 1.07 3.03
CA PHE A 244 -15.81 1.10 3.26
C PHE A 244 -16.37 2.54 3.42
N SER A 245 -15.52 3.58 3.23
CA SER A 245 -15.94 5.00 3.16
C SER A 245 -15.81 5.38 1.67
N LEU A 246 -15.36 4.43 0.84
CA LEU A 246 -15.10 4.59 -0.61
C LEU A 246 -14.16 5.77 -0.88
N GLY A 247 -12.98 5.67 -0.27
CA GLY A 247 -11.90 6.62 -0.44
C GLY A 247 -11.97 7.93 0.32
N ALA A 248 -12.73 7.99 1.43
CA ALA A 248 -12.72 9.25 2.19
C ALA A 248 -11.46 9.32 3.03
N SER A 249 -11.11 10.52 3.48
CA SER A 249 -9.96 10.74 4.36
C SER A 249 -10.34 10.36 5.83
N PRO A 250 -9.49 9.65 6.60
CA PRO A 250 -9.86 9.29 7.98
C PRO A 250 -10.10 10.44 8.95
N TYR A 251 -10.84 10.15 10.03
CA TYR A 251 -11.22 11.09 11.11
C TYR A 251 -11.78 12.38 10.50
N PRO A 252 -12.87 12.31 9.70
CA PRO A 252 -13.39 13.52 9.05
C PRO A 252 -13.69 14.66 10.03
N GLY A 253 -13.17 15.85 9.71
CA GLY A 253 -13.33 17.07 10.51
C GLY A 253 -12.49 17.17 11.77
N VAL A 254 -11.56 16.22 12.00
CA VAL A 254 -10.73 16.21 13.20
C VAL A 254 -9.37 16.86 12.94
N LYS A 255 -9.00 17.85 13.77
CA LYS A 255 -7.70 18.52 13.68
C LYS A 255 -6.68 17.53 14.22
N ILE A 256 -5.65 17.24 13.43
CA ILE A 256 -4.66 16.24 13.81
C ILE A 256 -3.52 16.92 14.56
N ASP A 257 -3.76 17.11 15.86
CA ASP A 257 -2.84 17.78 16.79
C ASP A 257 -2.57 16.89 18.02
N GLU A 258 -1.93 17.47 19.07
CA GLU A 258 -1.61 16.78 20.31
C GLU A 258 -2.87 16.18 20.96
N GLU A 259 -4.00 16.92 20.89
CA GLU A 259 -5.30 16.51 21.44
C GLU A 259 -5.89 15.27 20.74
N PHE A 260 -5.79 15.20 19.39
CA PHE A 260 -6.23 14.02 18.63
C PHE A 260 -5.49 12.78 19.15
N CYS A 261 -4.15 12.89 19.31
CA CYS A 261 -3.28 11.81 19.75
C CYS A 261 -3.64 11.31 21.17
N ARG A 262 -3.93 12.24 22.12
CA ARG A 262 -4.32 11.89 23.49
C ARG A 262 -5.66 11.13 23.51
N ARG A 263 -6.67 11.63 22.74
CA ARG A 263 -7.99 11.00 22.64
C ARG A 263 -7.87 9.56 22.08
N LEU A 264 -6.99 9.39 21.08
CA LEU A 264 -6.76 8.07 20.48
C LEU A 264 -6.13 7.14 21.51
N LYS A 265 -5.08 7.62 22.20
CA LYS A 265 -4.36 6.89 23.25
C LYS A 265 -5.31 6.47 24.37
N GLU A 266 -6.36 7.28 24.64
CA GLU A 266 -7.37 7.02 25.67
C GLU A 266 -8.49 6.05 25.23
N GLY A 267 -8.58 5.76 23.93
CA GLY A 267 -9.56 4.82 23.40
C GLY A 267 -10.59 5.34 22.42
N THR A 268 -10.48 6.64 22.02
CA THR A 268 -11.41 7.27 21.07
C THR A 268 -11.12 6.69 19.69
N ARG A 269 -12.18 6.29 18.98
CA ARG A 269 -12.09 5.65 17.67
C ARG A 269 -13.05 6.33 16.69
N MET A 270 -12.83 6.09 15.39
CA MET A 270 -13.72 6.57 14.33
C MET A 270 -15.07 5.83 14.39
N ARG A 271 -16.13 6.51 13.91
CA ARG A 271 -17.46 5.94 13.78
C ARG A 271 -17.47 5.12 12.47
N ALA A 272 -18.48 4.26 12.29
CA ALA A 272 -18.66 3.45 11.10
C ALA A 272 -18.72 4.29 9.81
N PRO A 273 -18.00 3.88 8.74
CA PRO A 273 -18.12 4.62 7.47
C PRO A 273 -19.43 4.26 6.77
N ASP A 274 -19.88 5.11 5.81
CA ASP A 274 -21.19 5.01 5.14
C ASP A 274 -21.51 3.72 4.39
N TYR A 275 -20.51 2.92 3.98
CA TYR A 275 -20.78 1.74 3.16
C TYR A 275 -20.42 0.43 3.84
N THR A 276 -20.14 0.49 5.14
CA THR A 276 -19.78 -0.70 5.91
C THR A 276 -20.96 -1.65 6.19
N THR A 277 -20.62 -2.90 6.53
CA THR A 277 -21.57 -3.88 7.03
C THR A 277 -21.23 -3.90 8.54
N PRO A 278 -22.15 -4.34 9.43
CA PRO A 278 -21.82 -4.37 10.87
C PRO A 278 -20.54 -5.15 11.22
N GLU A 279 -20.29 -6.28 10.53
CA GLU A 279 -19.13 -7.13 10.80
C GLU A 279 -17.83 -6.50 10.34
N MET A 280 -17.85 -5.71 9.25
CA MET A 280 -16.64 -5.02 8.77
C MET A 280 -16.25 -3.92 9.75
N TYR A 281 -17.24 -3.19 10.33
CA TYR A 281 -16.93 -2.18 11.34
C TYR A 281 -16.38 -2.84 12.60
N GLN A 282 -16.93 -4.01 13.01
CA GLN A 282 -16.41 -4.72 14.19
C GLN A 282 -14.97 -5.14 13.92
N THR A 283 -14.67 -5.50 12.66
CA THR A 283 -13.30 -5.88 12.29
C THR A 283 -12.38 -4.66 12.44
N MET A 284 -12.85 -3.47 12.03
CA MET A 284 -12.10 -2.21 12.19
C MET A 284 -11.81 -1.97 13.67
N LEU A 285 -12.84 -2.10 14.54
CA LEU A 285 -12.67 -1.93 16.00
C LEU A 285 -11.68 -2.92 16.60
N ASP A 286 -11.70 -4.19 16.13
CA ASP A 286 -10.77 -5.23 16.59
C ASP A 286 -9.34 -4.89 16.22
N CYS A 287 -9.10 -4.36 14.97
CA CYS A 287 -7.75 -3.96 14.52
C CYS A 287 -7.26 -2.78 15.36
N TRP A 288 -8.21 -1.99 15.87
CA TRP A 288 -7.92 -0.80 16.66
C TRP A 288 -7.93 -1.03 18.16
N HIS A 289 -7.72 -2.28 18.60
CA HIS A 289 -7.67 -2.57 20.03
C HIS A 289 -6.46 -1.80 20.55
N GLY A 290 -6.62 -1.13 21.69
CA GLY A 290 -5.53 -0.36 22.28
C GLY A 290 -4.30 -1.21 22.56
N GLU A 291 -4.50 -2.49 22.92
CA GLU A 291 -3.41 -3.42 23.17
C GLU A 291 -2.97 -4.13 21.88
N PRO A 292 -1.70 -3.97 21.45
CA PRO A 292 -1.27 -4.61 20.19
C PRO A 292 -1.47 -6.13 20.10
N SER A 293 -1.22 -6.87 21.21
CA SER A 293 -1.34 -8.33 21.23
C SER A 293 -2.77 -8.81 21.10
N GLN A 294 -3.74 -7.92 21.36
CA GLN A 294 -5.15 -8.25 21.35
C GLN A 294 -5.80 -7.98 20.01
N ARG A 295 -5.04 -7.40 19.08
CA ARG A 295 -5.51 -7.15 17.73
C ARG A 295 -5.49 -8.47 16.99
N PRO A 296 -6.36 -8.69 15.98
CA PRO A 296 -6.24 -9.94 15.21
C PRO A 296 -4.91 -9.96 14.49
N THR A 297 -4.45 -11.14 14.11
CA THR A 297 -3.22 -11.17 13.29
C THR A 297 -3.66 -11.15 11.83
N PHE A 298 -2.72 -10.97 10.87
CA PHE A 298 -3.14 -10.99 9.47
C PHE A 298 -3.71 -12.37 9.07
N SER A 299 -3.15 -13.47 9.61
CA SER A 299 -3.62 -14.84 9.35
C SER A 299 -5.08 -15.01 9.80
N GLU A 300 -5.41 -14.43 10.95
CA GLU A 300 -6.78 -14.49 11.49
C GLU A 300 -7.71 -13.61 10.60
N LEU A 301 -7.21 -12.46 10.14
CA LEU A 301 -7.97 -11.55 9.27
C LEU A 301 -8.21 -12.18 7.92
N VAL A 302 -7.23 -12.96 7.42
CA VAL A 302 -7.37 -13.66 6.14
C VAL A 302 -8.51 -14.69 6.27
N GLU A 303 -8.52 -15.45 7.37
CA GLU A 303 -9.53 -16.46 7.58
C GLU A 303 -10.92 -15.80 7.73
N HIS A 304 -11.02 -14.75 8.56
CA HIS A 304 -12.28 -14.03 8.82
C HIS A 304 -12.83 -13.36 7.56
N LEU A 305 -11.99 -12.61 6.83
CA LEU A 305 -12.45 -11.95 5.60
C LEU A 305 -12.86 -12.97 4.53
N GLY A 306 -12.11 -14.07 4.41
CA GLY A 306 -12.44 -15.17 3.52
C GLY A 306 -13.80 -15.75 3.86
N ASN A 307 -14.13 -15.85 5.18
CA ASN A 307 -15.45 -16.32 5.64
C ASN A 307 -16.54 -15.34 5.22
N LEU A 308 -16.33 -14.02 5.47
CA LEU A 308 -17.26 -12.92 5.14
C LEU A 308 -17.49 -12.85 3.65
N LEU A 309 -16.44 -13.07 2.85
CA LEU A 309 -16.49 -13.06 1.39
C LEU A 309 -17.35 -14.24 0.91
N GLN A 310 -17.23 -15.39 1.56
CA GLN A 310 -18.05 -16.55 1.24
C GLN A 310 -19.51 -16.39 1.73
N ALA A 311 -19.73 -15.63 2.82
CA ALA A 311 -21.06 -15.36 3.37
C ALA A 311 -21.78 -14.22 2.61
N ASN A 312 -21.03 -13.29 1.98
CA ASN A 312 -21.57 -12.17 1.22
C ASN A 312 -21.86 -12.59 -0.22
#